data_4ABB
#
_entry.id   4ABB
#
_cell.length_a   54.509
_cell.length_b   58.285
_cell.length_c   66.771
_cell.angle_alpha   90.00
_cell.angle_beta   90.00
_cell.angle_gamma   90.00
#
_symmetry.space_group_name_H-M   'P 21 21 21'
#
loop_
_entity.id
_entity.type
_entity.pdbx_description
1 polymer 'CATIONIC TRYPSIN'
2 non-polymer 'SULFATE ION'
3 non-polymer 'CALCIUM ION'
4 non-polymer 1,2-ETHANEDIOL
5 non-polymer 'DIMETHYL SULFOXIDE'
6 non-polymer 1-(1-BENZOTHIOPHEN-3-YL)METHANAMINE
7 water water
#
_entity_poly.entity_id   1
_entity_poly.type   'polypeptide(L)'
_entity_poly.pdbx_seq_one_letter_code
;IVGGYTCGANTVPYQVSLNSGYHFCGGSLINSQWVVSAAHCYKSGIQVRLGEDNINVVEGNEQFISASKSIVHPSYNSNT
LNNDIMLIKLKSAASLNSRVASISLPTSCASAGTQCLISGWGNTKSSGTSYPDVLKCLKAPILSDSSCKSAYPGQITSNM
FCAGYLEGGKDSCQGDSGGPVVCSGKLQGIVSWGSGCAQKNKPGVYTKVCNYVSWIKQTIASN
;
_entity_poly.pdbx_strand_id   A
#
loop_
_chem_comp.id
_chem_comp.type
_chem_comp.name
_chem_comp.formula
CA non-polymer 'CALCIUM ION' 'Ca 2'
DMS non-polymer 'DIMETHYL SULFOXIDE' 'C2 H6 O S'
EDO non-polymer 1,2-ETHANEDIOL 'C2 H6 O2'
K9S non-polymer 1-(1-BENZOTHIOPHEN-3-YL)METHANAMINE 'C9 H9 N S'
SO4 non-polymer 'SULFATE ION' 'O4 S -2'
#
# COMPACT_ATOMS: atom_id res chain seq x y z
N ILE A 1 -0.43 -9.26 -6.68
CA ILE A 1 -0.87 -8.48 -7.89
C ILE A 1 -1.30 -9.49 -8.95
N VAL A 2 -2.54 -9.36 -9.42
CA VAL A 2 -3.04 -10.25 -10.50
C VAL A 2 -2.96 -9.44 -11.79
N GLY A 3 -2.40 -10.05 -12.85
CA GLY A 3 -2.43 -9.43 -14.14
C GLY A 3 -1.42 -8.29 -14.29
N GLY A 4 -0.38 -8.27 -13.45
CA GLY A 4 0.70 -7.26 -13.48
C GLY A 4 1.92 -7.76 -14.20
N TYR A 5 3.06 -7.17 -13.90
CA TYR A 5 4.32 -7.44 -14.59
C TYR A 5 5.42 -7.44 -13.52
N THR A 6 6.50 -8.11 -13.82
CA THR A 6 7.69 -8.02 -12.91
C THR A 6 8.24 -6.66 -12.90
N CYS A 7 8.32 -5.97 -11.77
CA CYS A 7 8.74 -4.57 -11.74
C CYS A 7 10.18 -4.45 -12.24
N GLY A 8 11.04 -5.35 -11.76
CA GLY A 8 12.48 -5.19 -11.91
C GLY A 8 13.07 -4.88 -10.57
N ALA A 9 14.22 -5.42 -10.24
CA ALA A 9 14.81 -5.29 -8.91
C ALA A 9 15.07 -3.89 -8.55
N ASN A 10 14.51 -3.48 -7.37
CA ASN A 10 14.75 -2.19 -6.77
C ASN A 10 14.29 -1.03 -7.61
N THR A 11 13.33 -1.22 -8.49
CA THR A 11 12.77 -0.12 -9.30
C THR A 11 11.64 0.59 -8.57
N VAL A 12 11.19 0.06 -7.40
CA VAL A 12 10.13 0.66 -6.59
C VAL A 12 10.72 0.86 -5.22
N PRO A 13 11.62 1.89 -5.05
CA PRO A 13 12.57 1.90 -3.95
C PRO A 13 11.98 2.20 -2.56
N TYR A 14 10.73 2.68 -2.58
CA TYR A 14 9.97 2.97 -1.35
C TYR A 14 9.15 1.74 -0.92
N GLN A 15 9.08 0.69 -1.73
CA GLN A 15 8.31 -0.51 -1.37
C GLN A 15 8.98 -1.29 -0.27
N VAL A 16 8.36 -1.54 0.87
N VAL A 16 8.22 -1.60 0.77
CA VAL A 16 8.97 -2.41 1.88
CA VAL A 16 8.69 -2.43 1.89
C VAL A 16 8.05 -3.64 2.00
C VAL A 16 7.93 -3.73 1.96
N SER A 17 8.63 -4.69 2.57
CA SER A 17 7.94 -5.92 3.01
C SER A 17 7.91 -5.92 4.50
N LEU A 18 6.77 -6.18 5.11
CA LEU A 18 6.63 -6.37 6.56
C LEU A 18 6.72 -7.87 6.81
N ASN A 19 7.64 -8.23 7.71
CA ASN A 19 8.01 -9.61 7.92
C ASN A 19 7.85 -9.94 9.37
N SER A 20 7.14 -11.07 9.68
CA SER A 20 7.03 -11.56 11.05
C SER A 20 7.44 -13.05 11.10
N GLY A 21 8.54 -13.35 10.45
CA GLY A 21 8.90 -14.74 10.13
C GLY A 21 8.69 -15.13 8.71
N TYR A 22 7.97 -14.23 7.99
N TYR A 22 7.98 -14.27 7.93
CA TYR A 22 7.52 -14.40 6.64
CA TYR A 22 7.50 -14.48 6.58
C TYR A 22 6.93 -13.06 6.23
C TYR A 22 6.92 -13.10 6.19
N HIS A 23 6.91 -12.84 4.89
CA HIS A 23 6.19 -11.62 4.38
C HIS A 23 4.72 -11.72 4.68
N PHE A 24 4.10 -10.66 5.18
CA PHE A 24 2.64 -10.67 5.36
C PHE A 24 1.96 -9.37 4.85
N CYS A 25 2.69 -8.32 4.55
CA CYS A 25 2.04 -7.08 4.08
C CYS A 25 3.10 -6.24 3.45
N GLY A 26 2.66 -5.35 2.56
CA GLY A 26 3.54 -4.29 2.08
C GLY A 26 3.46 -3.04 2.96
N GLY A 27 4.28 -2.05 2.57
CA GLY A 27 4.26 -0.71 3.18
C GLY A 27 5.05 0.20 2.29
N SER A 28 5.12 1.47 2.66
CA SER A 28 5.79 2.52 1.87
C SER A 28 6.69 3.29 2.78
N LEU A 29 7.97 3.45 2.43
CA LEU A 29 8.90 4.26 3.24
C LEU A 29 8.63 5.73 2.92
N ILE A 30 8.34 6.49 3.96
CA ILE A 30 8.02 7.94 3.75
C ILE A 30 9.09 8.85 4.32
N ASN A 31 10.01 8.38 5.13
CA ASN A 31 11.25 9.13 5.49
C ASN A 31 12.16 8.08 6.03
N SER A 32 13.38 8.44 6.50
CA SER A 32 14.34 7.44 6.88
C SER A 32 13.92 6.59 8.05
N GLN A 33 12.92 7.07 8.84
N GLN A 33 12.93 6.98 8.83
CA GLN A 33 12.47 6.42 10.11
CA GLN A 33 12.61 6.15 9.94
C GLN A 33 11.09 5.78 10.07
C GLN A 33 11.10 5.77 10.07
N TRP A 34 10.30 6.07 9.04
CA TRP A 34 8.85 5.81 9.11
C TRP A 34 8.34 5.16 7.86
N VAL A 35 7.43 4.21 8.10
CA VAL A 35 6.72 3.48 7.06
C VAL A 35 5.21 3.70 7.22
N VAL A 36 4.49 3.94 6.07
N VAL A 36 4.49 3.80 6.15
N VAL A 36 4.50 3.80 6.12
CA VAL A 36 2.99 3.93 5.89
CA VAL A 36 3.06 3.84 6.33
CA VAL A 36 3.06 3.80 6.21
C VAL A 36 2.54 2.50 5.55
C VAL A 36 2.54 2.57 5.61
C VAL A 36 2.52 2.53 5.57
N SER A 37 1.55 1.96 6.26
CA SER A 37 0.92 0.71 5.79
C SER A 37 -0.55 0.79 6.14
N ALA A 38 -1.24 -0.38 5.99
CA ALA A 38 -2.64 -0.46 6.33
C ALA A 38 -2.80 -0.83 7.81
N ALA A 39 -3.78 -0.25 8.51
CA ALA A 39 -4.08 -0.68 9.87
C ALA A 39 -4.44 -2.14 9.94
N HIS A 40 -5.03 -2.72 8.91
CA HIS A 40 -5.36 -4.15 9.03
C HIS A 40 -4.09 -5.01 8.97
N CYS A 41 -2.93 -4.45 8.66
CA CYS A 41 -1.66 -5.15 8.74
C CYS A 41 -1.06 -5.06 10.14
N TYR A 42 -1.64 -4.39 11.13
N TYR A 42 -1.71 -4.49 11.14
CA TYR A 42 -1.07 -4.31 12.47
CA TYR A 42 -1.08 -4.39 12.45
C TYR A 42 -0.74 -5.72 13.00
C TYR A 42 -0.83 -5.80 13.00
N LYS A 43 0.40 -5.88 13.56
CA LYS A 43 0.75 -6.96 14.54
C LYS A 43 1.99 -6.50 15.23
N SER A 44 2.24 -7.16 16.35
CA SER A 44 3.54 -6.94 17.08
C SER A 44 4.68 -7.77 16.41
N GLY A 45 5.88 -7.34 16.73
CA GLY A 45 7.01 -8.23 16.22
C GLY A 45 7.28 -7.99 14.73
N ILE A 46 7.08 -6.79 14.22
CA ILE A 46 7.32 -6.57 12.75
C ILE A 46 8.80 -6.27 12.54
N GLN A 47 9.39 -6.90 11.54
CA GLN A 47 10.64 -6.47 10.96
C GLN A 47 10.37 -5.87 9.60
N VAL A 48 10.81 -4.65 9.34
CA VAL A 48 10.67 -3.98 8.08
C VAL A 48 11.81 -4.40 7.15
N ARG A 49 11.51 -4.85 5.96
CA ARG A 49 12.54 -5.25 5.02
C ARG A 49 12.50 -4.32 3.81
N LEU A 50 13.57 -3.52 3.72
N LEU A 50 13.57 -3.56 3.67
CA LEU A 50 13.81 -2.52 2.68
CA LEU A 50 13.74 -2.51 2.65
C LEU A 50 14.68 -3.07 1.59
C LEU A 50 14.72 -3.06 1.68
N GLY A 51 14.66 -2.50 0.36
CA GLY A 51 15.64 -2.91 -0.62
C GLY A 51 15.39 -4.33 -1.14
N GLU A 52 14.19 -4.87 -0.97
CA GLU A 52 13.87 -6.22 -1.43
C GLU A 52 13.49 -6.27 -2.88
N ASP A 53 13.92 -7.32 -3.53
CA ASP A 53 13.28 -7.81 -4.78
C ASP A 53 12.77 -9.20 -4.53
N ASN A 54 13.61 -10.24 -4.60
CA ASN A 54 13.22 -11.58 -4.25
C ASN A 54 13.18 -11.68 -2.73
N ILE A 55 12.01 -11.79 -2.14
CA ILE A 55 11.89 -11.81 -0.67
C ILE A 55 12.36 -13.15 -0.02
N ASN A 56 12.70 -14.13 -0.88
N ASN A 56 12.71 -14.12 -0.87
CA ASN A 56 13.25 -15.42 -0.42
CA ASN A 56 13.27 -15.39 -0.39
C ASN A 56 14.73 -15.54 -0.56
C ASN A 56 14.71 -15.60 -0.65
N VAL A 57 15.42 -14.58 -1.13
CA VAL A 57 16.86 -14.66 -1.42
C VAL A 57 17.48 -13.39 -0.97
N VAL A 58 18.61 -13.47 -0.25
CA VAL A 58 19.38 -12.25 0.05
C VAL A 58 20.17 -11.90 -1.15
N GLU A 59 19.88 -10.79 -1.81
CA GLU A 59 20.48 -10.38 -3.11
C GLU A 59 21.43 -9.31 -2.93
N GLY A 60 21.52 -8.59 -1.84
CA GLY A 60 22.65 -7.63 -1.63
C GLY A 60 22.22 -6.23 -1.39
N ASN A 61 20.95 -5.85 -1.56
CA ASN A 61 20.54 -4.45 -1.35
C ASN A 61 19.56 -4.30 -0.16
N GLU A 62 19.30 -5.38 0.55
CA GLU A 62 18.33 -5.33 1.62
C GLU A 62 18.84 -4.54 2.81
N GLN A 63 17.92 -3.95 3.56
CA GLN A 63 18.16 -3.49 4.95
C GLN A 63 17.02 -4.08 5.75
N PHE A 64 17.29 -4.74 6.86
CA PHE A 64 16.28 -5.34 7.75
C PHE A 64 16.30 -4.58 9.05
N ILE A 65 15.22 -3.90 9.40
CA ILE A 65 15.19 -3.03 10.62
C ILE A 65 13.91 -3.33 11.37
N SER A 66 14.02 -3.64 12.66
CA SER A 66 12.84 -3.96 13.45
C SER A 66 12.06 -2.68 13.74
N ALA A 67 10.73 -2.81 13.83
CA ALA A 67 9.86 -1.70 14.27
C ALA A 67 10.10 -1.44 15.75
N SER A 68 10.14 -0.15 16.09
CA SER A 68 10.10 0.27 17.50
C SER A 68 8.73 0.55 18.01
N LYS A 69 7.84 1.05 17.13
N LYS A 69 7.75 0.71 17.11
CA LYS A 69 6.46 1.49 17.55
CA LYS A 69 6.40 1.15 17.57
C LYS A 69 5.55 1.33 16.34
C LYS A 69 5.62 1.32 16.32
N SER A 70 4.32 0.91 16.61
N SER A 70 4.37 0.96 16.42
CA SER A 70 3.25 0.95 15.61
CA SER A 70 3.44 1.27 15.32
C SER A 70 2.16 1.94 16.08
C SER A 70 2.27 1.91 15.99
N ILE A 71 1.61 2.74 15.15
CA ILE A 71 0.52 3.63 15.53
C ILE A 71 -0.58 3.40 14.53
N VAL A 72 -1.63 2.70 14.91
CA VAL A 72 -2.86 2.59 14.11
C VAL A 72 -3.67 3.87 14.20
N HIS A 73 -4.29 4.26 13.07
CA HIS A 73 -5.07 5.47 13.07
C HIS A 73 -6.07 5.47 14.21
N PRO A 74 -6.29 6.62 14.88
N PRO A 74 -6.27 6.60 14.86
CA PRO A 74 -7.22 6.70 16.02
CA PRO A 74 -7.18 6.62 16.01
C PRO A 74 -8.65 6.28 15.68
C PRO A 74 -8.61 6.20 15.66
N SER A 75 -9.07 6.40 14.44
CA SER A 75 -10.44 6.09 14.06
C SER A 75 -10.55 4.87 13.24
N TYR A 76 -9.53 4.02 13.15
CA TYR A 76 -9.62 2.78 12.36
C TYR A 76 -10.78 1.95 12.87
N ASN A 77 -11.62 1.48 11.95
CA ASN A 77 -12.69 0.49 12.28
C ASN A 77 -12.42 -0.77 11.45
N SER A 78 -12.13 -1.84 12.15
CA SER A 78 -11.74 -3.11 11.47
C SER A 78 -12.91 -3.82 10.83
N ASN A 79 -14.16 -3.44 11.15
CA ASN A 79 -15.33 -4.02 10.47
C ASN A 79 -15.59 -3.38 9.13
N THR A 80 -15.53 -2.06 9.04
CA THR A 80 -15.80 -1.29 7.81
C THR A 80 -14.53 -1.03 7.03
N LEU A 81 -13.37 -1.17 7.65
CA LEU A 81 -12.08 -0.75 7.14
C LEU A 81 -12.00 0.74 6.91
N ASN A 82 -12.86 1.55 7.50
CA ASN A 82 -12.69 2.97 7.42
C ASN A 82 -11.39 3.40 8.19
N ASN A 83 -10.63 4.29 7.58
CA ASN A 83 -9.36 4.76 8.14
C ASN A 83 -8.30 3.67 8.29
N ASP A 84 -8.16 2.92 7.17
CA ASP A 84 -7.24 1.77 7.13
C ASP A 84 -5.83 2.22 6.86
N ILE A 85 -5.19 2.78 7.91
CA ILE A 85 -3.83 3.34 7.80
C ILE A 85 -3.15 3.19 9.13
N MET A 86 -1.84 2.95 9.10
N MET A 86 -1.82 3.00 9.06
CA MET A 86 -1.05 2.97 10.31
CA MET A 86 -0.98 2.76 10.22
C MET A 86 0.33 3.44 9.90
C MET A 86 0.43 3.23 9.93
N LEU A 87 1.08 3.87 10.92
CA LEU A 87 2.48 4.25 10.85
C LEU A 87 3.33 3.32 11.62
N ILE A 88 4.51 3.00 11.09
CA ILE A 88 5.47 2.13 11.78
C ILE A 88 6.79 2.86 11.86
N LYS A 89 7.33 3.01 13.09
CA LYS A 89 8.67 3.67 13.25
C LYS A 89 9.69 2.57 13.29
N LEU A 90 10.80 2.82 12.60
CA LEU A 90 11.94 1.92 12.60
C LEU A 90 12.88 2.13 13.76
N LYS A 91 13.44 1.09 14.37
CA LYS A 91 14.38 1.23 15.52
CA LYS A 91 14.34 1.29 15.49
C LYS A 91 15.59 2.08 15.14
N SER A 92 16.00 2.08 13.89
CA SER A 92 17.16 2.89 13.40
C SER A 92 16.83 3.41 12.07
N ALA A 93 17.43 4.53 11.61
CA ALA A 93 17.14 5.12 10.38
C ALA A 93 17.65 4.23 9.23
N ALA A 94 16.88 4.06 8.18
CA ALA A 94 17.35 3.39 6.99
C ALA A 94 18.40 4.23 6.34
N SER A 95 19.37 3.57 5.72
N SER A 95 19.29 3.67 5.57
CA SER A 95 20.30 4.21 4.76
CA SER A 95 20.29 4.45 4.83
C SER A 95 19.57 4.52 3.47
C SER A 95 19.79 4.55 3.43
N LEU A 96 19.46 5.79 3.03
CA LEU A 96 18.76 6.08 1.83
C LEU A 96 19.75 6.16 0.68
N ASN A 97 19.36 5.58 -0.42
CA ASN A 97 20.17 5.46 -1.64
C ASN A 97 19.26 5.27 -2.87
N SER A 98 19.73 5.09 -4.11
N SER A 98 19.85 4.93 -3.99
CA SER A 98 18.83 4.96 -5.28
CA SER A 98 19.03 4.83 -5.11
C SER A 98 17.80 3.77 -5.10
C SER A 98 17.95 3.71 -5.18
N ARG A 99 18.21 2.72 -4.37
CA ARG A 99 17.42 1.50 -4.27
CA ARG A 99 17.42 1.48 -4.30
C ARG A 99 16.58 1.49 -3.02
N VAL A 100 16.79 2.39 -2.09
CA VAL A 100 15.98 2.50 -0.86
C VAL A 100 15.68 3.95 -0.64
N ALA A 101 14.48 4.39 -0.89
CA ALA A 101 14.18 5.81 -0.98
C ALA A 101 12.81 6.04 -0.50
N SER A 102 12.57 7.20 0.09
N SER A 102 12.57 7.21 0.10
CA SER A 102 11.24 7.55 0.57
CA SER A 102 11.20 7.57 0.54
C SER A 102 10.37 8.04 -0.61
C SER A 102 10.39 7.92 -0.67
N ILE A 103 9.06 7.86 -0.48
CA ILE A 103 8.09 8.40 -1.41
C ILE A 103 7.43 9.61 -0.82
N SER A 104 7.29 10.68 -1.59
N SER A 104 7.23 10.62 -1.68
CA SER A 104 6.66 11.92 -1.10
CA SER A 104 6.52 11.86 -1.34
C SER A 104 5.16 11.63 -0.80
C SER A 104 5.08 11.65 -0.87
N LEU A 105 4.65 12.35 0.19
CA LEU A 105 3.23 12.40 0.49
C LEU A 105 2.52 13.37 -0.44
N PRO A 106 1.27 13.22 -0.73
CA PRO A 106 0.59 14.14 -1.67
C PRO A 106 0.41 15.51 -1.01
N THR A 107 0.43 16.53 -1.81
CA THR A 107 0.00 17.85 -1.31
C THR A 107 -1.42 18.12 -1.77
N SER A 108 -1.95 17.33 -2.75
CA SER A 108 -3.35 17.34 -3.11
C SER A 108 -3.76 15.95 -3.49
N CYS A 109 -5.03 15.76 -3.30
N CYS A 109 -5.00 15.75 -3.56
CA CYS A 109 -5.80 14.45 -3.65
CA CYS A 109 -5.39 14.42 -3.84
C CYS A 109 -5.80 14.20 -5.16
C CYS A 109 -5.32 14.27 -5.31
N ALA A 110 -5.55 13.04 -5.72
CA ALA A 110 -5.57 12.75 -7.12
C ALA A 110 -6.95 12.52 -7.63
N SER A 111 -7.25 12.81 -8.85
N SER A 111 -7.19 12.86 -8.89
CA SER A 111 -8.62 12.64 -9.41
CA SER A 111 -8.50 12.64 -9.45
C SER A 111 -8.73 11.29 -10.14
C SER A 111 -8.59 11.25 -10.08
N ALA A 112 -9.98 10.88 -10.28
CA ALA A 112 -10.31 9.74 -11.12
C ALA A 112 -9.68 9.95 -12.53
N GLY A 113 -9.18 8.90 -13.10
CA GLY A 113 -8.49 8.90 -14.37
C GLY A 113 -6.97 8.99 -14.24
N THR A 114 -6.49 9.48 -13.05
N THR A 114 -6.38 9.43 -13.18
CA THR A 114 -5.01 9.57 -12.83
CA THR A 114 -4.93 9.42 -13.24
C THR A 114 -4.48 8.15 -12.87
C THR A 114 -4.38 7.94 -13.19
N GLN A 115 -3.35 8.04 -13.49
N GLN A 115 -3.35 7.67 -13.95
N GLN A 115 -3.28 8.03 -13.56
CA GLN A 115 -2.64 6.77 -13.62
CA GLN A 115 -2.66 6.38 -13.80
CA GLN A 115 -2.55 6.75 -13.67
C GLN A 115 -1.79 6.55 -12.37
C GLN A 115 -1.67 6.36 -12.66
C GLN A 115 -1.69 6.53 -12.44
N CYS A 116 -1.73 5.30 -11.90
CA CYS A 116 -0.88 5.01 -10.71
C CYS A 116 -0.17 3.70 -10.87
N LEU A 117 0.80 3.49 -10.02
CA LEU A 117 1.58 2.23 -9.91
C LEU A 117 1.28 1.58 -8.60
N ILE A 118 0.78 0.35 -8.68
CA ILE A 118 0.46 -0.47 -7.48
C ILE A 118 1.42 -1.61 -7.46
N SER A 119 1.97 -1.97 -6.31
CA SER A 119 3.04 -3.01 -6.30
C SER A 119 2.92 -3.88 -5.06
N GLY A 120 3.46 -5.08 -5.14
CA GLY A 120 3.50 -5.97 -3.99
C GLY A 120 3.88 -7.38 -4.34
N TRP A 121 3.95 -8.18 -3.25
CA TRP A 121 4.33 -9.60 -3.32
C TRP A 121 3.07 -10.44 -3.05
N GLY A 122 1.88 -9.94 -3.28
CA GLY A 122 0.65 -10.71 -3.02
C GLY A 122 0.39 -11.73 -4.15
N ASN A 123 -0.72 -12.43 -3.93
N ASN A 123 -0.58 -12.57 -3.92
CA ASN A 123 -1.18 -13.51 -4.86
CA ASN A 123 -0.78 -13.62 -4.89
C ASN A 123 -1.27 -12.97 -6.29
C ASN A 123 -1.03 -13.00 -6.26
N THR A 124 -0.84 -13.82 -7.25
CA THR A 124 -0.91 -13.42 -8.68
C THR A 124 -2.10 -14.15 -9.34
N LYS A 125 -2.81 -15.04 -8.66
N LYS A 125 -3.02 -14.81 -8.57
CA LYS A 125 -4.00 -15.63 -9.38
CA LYS A 125 -4.15 -15.61 -9.11
C LYS A 125 -5.34 -15.12 -8.76
C LYS A 125 -5.46 -15.04 -8.67
N SER A 126 -6.39 -15.00 -9.61
CA SER A 126 -7.77 -14.55 -9.23
C SER A 126 -8.64 -15.71 -8.73
N SER A 127 -8.23 -16.95 -9.10
CA SER A 127 -8.80 -18.25 -8.66
C SER A 127 -7.53 -19.08 -8.28
N GLY A 128 -7.51 -19.53 -7.06
CA GLY A 128 -6.36 -20.33 -6.75
C GLY A 128 -5.31 -19.34 -6.23
N THR A 129 -4.09 -19.92 -6.11
CA THR A 129 -3.07 -19.26 -5.29
C THR A 129 -1.71 -19.53 -5.81
N SER A 130 -0.98 -18.43 -5.99
CA SER A 130 0.45 -18.52 -6.34
C SER A 130 1.10 -17.25 -5.90
N TYR A 131 2.10 -17.34 -5.06
CA TYR A 131 2.73 -16.17 -4.49
C TYR A 131 4.07 -16.00 -5.09
N PRO A 132 4.41 -14.83 -5.64
CA PRO A 132 5.63 -14.62 -6.33
C PRO A 132 6.82 -14.36 -5.29
N ASP A 133 7.95 -14.59 -5.72
N ASP A 133 7.99 -14.58 -5.82
CA ASP A 133 9.08 -14.20 -4.89
CA ASP A 133 9.17 -14.24 -5.06
C ASP A 133 9.58 -12.77 -5.21
C ASP A 133 9.69 -12.81 -5.27
N VAL A 134 9.49 -12.32 -6.47
CA VAL A 134 9.94 -11.00 -6.85
C VAL A 134 8.77 -10.04 -6.90
N LEU A 135 9.13 -8.75 -6.82
CA LEU A 135 8.09 -7.72 -6.72
C LEU A 135 7.29 -7.57 -8.01
N LYS A 136 5.95 -7.55 -7.91
CA LYS A 136 5.05 -7.35 -9.10
C LYS A 136 4.49 -5.96 -9.03
N CYS A 137 4.17 -5.47 -10.23
CA CYS A 137 3.71 -4.10 -10.50
C CYS A 137 2.46 -4.13 -11.36
N LEU A 138 1.64 -3.08 -11.21
CA LEU A 138 0.43 -2.92 -12.03
C LEU A 138 0.22 -1.45 -12.25
N LYS A 139 0.06 -1.00 -13.48
CA LYS A 139 -0.37 0.37 -13.74
C LYS A 139 -1.87 0.35 -13.80
N ALA A 140 -2.55 1.25 -13.08
CA ALA A 140 -4.01 1.23 -13.00
C ALA A 140 -4.47 2.65 -12.77
N PRO A 141 -5.66 2.96 -13.31
CA PRO A 141 -6.23 4.31 -13.07
C PRO A 141 -7.10 4.33 -11.84
N ILE A 142 -7.16 5.49 -11.21
CA ILE A 142 -8.19 5.74 -10.21
C ILE A 142 -9.54 5.79 -10.85
N LEU A 143 -10.51 5.16 -10.29
CA LEU A 143 -11.90 5.19 -10.83
C LEU A 143 -12.71 6.24 -10.14
N SER A 144 -13.77 6.68 -10.83
CA SER A 144 -14.66 7.69 -10.24
C SER A 144 -15.27 7.21 -8.93
N ASP A 145 -15.54 8.14 -8.03
CA ASP A 145 -16.32 7.89 -6.80
CA ASP A 145 -16.23 7.77 -6.81
C ASP A 145 -17.60 7.19 -7.09
N SER A 146 -18.30 7.69 -8.13
N SER A 146 -18.30 7.66 -8.13
CA SER A 146 -19.61 7.12 -8.38
CA SER A 146 -19.62 7.08 -8.52
C SER A 146 -19.46 5.67 -8.85
C SER A 146 -19.45 5.62 -8.94
N SER A 147 -18.51 5.30 -9.71
N SER A 147 -18.43 5.37 -9.72
CA SER A 147 -18.40 3.88 -10.10
CA SER A 147 -18.26 4.03 -10.18
C SER A 147 -17.91 3.03 -8.94
C SER A 147 -17.93 3.11 -8.94
N CYS A 148 -17.10 3.61 -8.03
CA CYS A 148 -16.66 2.86 -6.86
C CYS A 148 -17.84 2.51 -5.95
N LYS A 149 -18.71 3.51 -5.76
N LYS A 149 -18.64 3.56 -5.63
CA LYS A 149 -19.90 3.31 -4.93
CA LYS A 149 -19.85 3.36 -4.80
C LYS A 149 -20.86 2.40 -5.45
C LYS A 149 -20.83 2.45 -5.58
N SER A 150 -21.02 2.36 -6.79
N SER A 150 -20.94 2.64 -6.91
CA SER A 150 -21.95 1.45 -7.46
CA SER A 150 -21.80 1.71 -7.65
C SER A 150 -21.40 0.04 -7.47
C SER A 150 -21.41 0.24 -7.39
N ALA A 151 -20.08 -0.06 -7.51
CA ALA A 151 -19.48 -1.38 -7.38
C ALA A 151 -19.67 -1.97 -5.98
N TYR A 152 -19.64 -1.15 -4.93
CA TYR A 152 -19.68 -1.59 -3.55
C TYR A 152 -20.66 -0.76 -2.79
N PRO A 153 -21.98 -0.98 -3.07
CA PRO A 153 -23.03 -0.22 -2.36
C PRO A 153 -22.88 -0.31 -0.84
N GLY A 154 -23.00 0.89 -0.31
N GLY A 154 -23.08 0.75 -0.10
CA GLY A 154 -23.06 1.07 1.13
CA GLY A 154 -23.05 0.65 1.36
C GLY A 154 -21.72 0.97 1.86
C GLY A 154 -21.65 0.49 1.97
N GLN A 155 -20.58 0.93 1.11
N GLN A 155 -20.55 0.55 1.15
CA GLN A 155 -19.31 0.51 1.79
CA GLN A 155 -19.20 0.28 1.73
C GLN A 155 -18.15 1.41 1.52
C GLN A 155 -18.16 1.43 1.53
N ILE A 156 -18.31 2.33 0.56
CA ILE A 156 -17.17 3.25 0.22
C ILE A 156 -17.36 4.52 0.98
N THR A 157 -16.40 4.85 1.88
CA THR A 157 -16.41 6.09 2.61
C THR A 157 -15.56 7.12 1.92
N SER A 158 -15.58 8.36 2.44
CA SER A 158 -14.76 9.41 1.91
C SER A 158 -13.26 9.19 2.13
N ASN A 159 -12.89 8.12 2.86
CA ASN A 159 -11.47 7.80 3.07
C ASN A 159 -11.03 6.65 2.17
N MET A 160 -11.79 6.34 1.13
CA MET A 160 -11.48 5.25 0.23
C MET A 160 -11.59 5.64 -1.20
N PHE A 161 -10.85 5.05 -2.08
CA PHE A 161 -11.13 5.18 -3.52
C PHE A 161 -10.92 3.84 -4.18
N CYS A 162 -11.48 3.67 -5.37
CA CYS A 162 -11.27 2.50 -6.16
C CYS A 162 -10.25 2.77 -7.23
N ALA A 163 -9.48 1.77 -7.59
CA ALA A 163 -8.56 1.89 -8.75
C ALA A 163 -8.52 0.53 -9.40
N GLY A 164 -8.26 0.54 -10.73
CA GLY A 164 -8.20 -0.71 -11.45
C GLY A 164 -9.09 -0.74 -12.66
N TYR A 165 -9.74 -1.86 -12.88
CA TYR A 165 -10.39 -2.14 -14.20
C TYR A 165 -11.67 -2.80 -13.90
N LEU A 166 -12.80 -2.19 -14.24
CA LEU A 166 -14.12 -2.84 -14.02
C LEU A 166 -14.28 -4.12 -14.80
N GLU A 167 -13.54 -4.30 -15.88
N GLU A 167 -13.54 -4.34 -15.88
CA GLU A 167 -13.61 -5.52 -16.65
CA GLU A 167 -13.67 -5.61 -16.60
C GLU A 167 -13.03 -6.68 -15.94
C GLU A 167 -12.98 -6.75 -15.93
N GLY A 168 -12.22 -6.45 -14.90
CA GLY A 168 -11.55 -7.58 -14.20
C GLY A 168 -10.15 -7.91 -14.83
N GLY A 169 -9.49 -8.84 -14.25
CA GLY A 169 -8.19 -9.38 -14.76
C GLY A 169 -6.98 -8.68 -14.20
N LYS A 170 -7.04 -7.50 -13.63
N LYS A 170 -7.09 -7.47 -13.67
CA LYS A 170 -5.80 -6.84 -13.13
CA LYS A 170 -5.93 -6.70 -13.16
C LYS A 170 -6.16 -6.11 -11.88
C LYS A 170 -6.26 -6.13 -11.79
N ASP A 171 -5.51 -6.47 -10.76
CA ASP A 171 -5.89 -5.95 -9.42
C ASP A 171 -4.81 -6.27 -8.44
N SER A 172 -4.86 -5.64 -7.29
CA SER A 172 -4.11 -6.10 -6.11
C SER A 172 -4.80 -7.25 -5.46
N CYS A 173 -4.10 -7.98 -4.58
CA CYS A 173 -4.68 -9.16 -3.93
C CYS A 173 -4.06 -9.44 -2.62
N GLN A 174 -4.53 -10.48 -1.93
N GLN A 174 -4.40 -10.62 -2.04
N GLN A 174 -4.49 -10.55 -1.96
CA GLN A 174 -4.07 -10.79 -0.61
CA GLN A 174 -3.86 -11.09 -0.77
CA GLN A 174 -3.99 -10.94 -0.63
C GLN A 174 -2.53 -10.89 -0.62
C GLN A 174 -2.36 -10.98 -0.61
C GLN A 174 -2.48 -10.90 -0.63
N GLY A 175 -1.89 -10.27 0.37
CA GLY A 175 -0.47 -10.11 0.53
C GLY A 175 0.10 -8.80 -0.05
N ASP A 176 -0.70 -8.13 -0.88
CA ASP A 176 -0.36 -6.77 -1.31
C ASP A 176 -0.77 -5.74 -0.28
N SER A 177 -1.66 -6.12 0.62
N SER A 177 -1.72 -6.06 0.60
CA SER A 177 -2.20 -5.29 1.70
CA SER A 177 -2.33 -5.05 1.48
C SER A 177 -1.16 -4.38 2.31
C SER A 177 -1.22 -4.35 2.20
N GLY A 178 -1.51 -3.10 2.47
CA GLY A 178 -0.61 -2.19 3.10
C GLY A 178 0.36 -1.47 2.15
N GLY A 179 0.51 -2.04 0.93
CA GLY A 179 1.47 -1.47 -0.03
C GLY A 179 0.97 -0.23 -0.77
N PRO A 180 1.88 0.30 -1.59
CA PRO A 180 1.67 1.63 -2.21
C PRO A 180 0.77 1.61 -3.45
N VAL A 181 0.10 2.76 -3.58
CA VAL A 181 -0.47 3.23 -4.87
C VAL A 181 0.17 4.60 -5.10
N VAL A 182 1.06 4.68 -6.08
N VAL A 182 1.06 4.73 -6.07
CA VAL A 182 1.84 5.91 -6.32
CA VAL A 182 1.79 6.00 -6.22
C VAL A 182 1.38 6.51 -7.64
C VAL A 182 1.47 6.53 -7.62
N CYS A 183 1.14 7.82 -7.67
CA CYS A 183 0.59 8.47 -8.88
C CYS A 183 1.40 9.76 -9.08
N SER A 184 2.12 9.84 -10.20
CA SER A 184 2.97 11.02 -10.53
C SER A 184 3.91 11.26 -9.34
N GLY A 185 4.49 10.25 -8.73
CA GLY A 185 5.54 10.39 -7.76
C GLY A 185 5.01 10.74 -6.36
N LYS A 186 3.69 10.57 -6.12
CA LYS A 186 3.15 10.83 -4.75
C LYS A 186 2.39 9.56 -4.30
N LEU A 187 2.49 9.31 -3.01
CA LEU A 187 1.74 8.16 -2.39
C LEU A 187 0.28 8.56 -2.22
N GLN A 188 -0.64 8.16 -3.07
N GLN A 188 -0.56 8.11 -3.15
CA GLN A 188 -2.04 8.52 -2.96
CA GLN A 188 -1.99 8.43 -3.16
C GLN A 188 -2.87 7.42 -2.33
C GLN A 188 -2.86 7.40 -2.43
N GLY A 189 -2.40 6.14 -2.38
CA GLY A 189 -3.22 5.07 -1.79
C GLY A 189 -2.46 4.05 -1.07
N ILE A 190 -3.17 3.28 -0.28
CA ILE A 190 -2.64 2.09 0.42
C ILE A 190 -3.58 0.96 0.09
N VAL A 191 -2.98 -0.21 -0.34
N VAL A 191 -3.00 -0.19 -0.34
CA VAL A 191 -3.79 -1.41 -0.63
CA VAL A 191 -3.81 -1.36 -0.70
C VAL A 191 -4.62 -1.76 0.59
C VAL A 191 -4.62 -1.81 0.54
N SER A 192 -5.95 -1.75 0.45
CA SER A 192 -6.84 -1.93 1.61
C SER A 192 -7.72 -3.16 1.44
N TRP A 193 -8.66 -3.22 0.48
CA TRP A 193 -9.57 -4.38 0.45
C TRP A 193 -10.20 -4.45 -0.91
N GLY A 194 -11.06 -5.49 -1.07
N GLY A 194 -10.89 -5.59 -1.15
CA GLY A 194 -11.97 -5.60 -2.22
CA GLY A 194 -11.77 -5.75 -2.32
C GLY A 194 -12.71 -6.89 -2.06
C GLY A 194 -12.45 -7.10 -2.25
N SER A 195 -13.55 -7.22 -3.00
N SER A 195 -13.53 -7.25 -3.01
CA SER A 195 -14.19 -8.57 -2.93
CA SER A 195 -14.26 -8.54 -3.03
C SER A 195 -13.49 -9.53 -3.90
C SER A 195 -13.52 -9.50 -3.93
N GLY A 196 -12.80 -10.43 -3.40
CA GLY A 196 -11.91 -11.24 -4.30
C GLY A 196 -10.86 -10.33 -4.95
N CYS A 197 -10.29 -10.85 -6.01
CA CYS A 197 -9.23 -10.10 -6.72
C CYS A 197 -9.50 -10.19 -8.18
N ALA A 198 -9.45 -9.09 -8.91
CA ALA A 198 -9.50 -9.10 -10.36
C ALA A 198 -10.87 -9.61 -10.86
N GLN A 199 -11.90 -9.53 -10.05
CA GLN A 199 -13.23 -9.93 -10.55
C GLN A 199 -13.87 -8.78 -11.25
N LYS A 200 -14.76 -9.10 -12.21
CA LYS A 200 -15.51 -8.13 -12.91
C LYS A 200 -16.37 -7.32 -11.93
N ASN A 201 -16.37 -5.99 -12.11
CA ASN A 201 -17.17 -5.06 -11.34
C ASN A 201 -16.77 -4.97 -9.86
N LYS A 202 -15.61 -5.52 -9.48
CA LYS A 202 -15.14 -5.51 -8.08
C LYS A 202 -13.70 -5.01 -8.11
N PRO A 203 -13.50 -3.72 -8.36
CA PRO A 203 -12.10 -3.20 -8.40
C PRO A 203 -11.54 -3.15 -7.00
N GLY A 204 -10.23 -2.96 -6.96
CA GLY A 204 -9.60 -2.78 -5.61
C GLY A 204 -9.99 -1.47 -4.97
N VAL A 205 -10.02 -1.52 -3.64
CA VAL A 205 -10.31 -0.35 -2.78
C VAL A 205 -9.07 -0.03 -1.98
N TYR A 206 -8.79 1.29 -1.89
CA TYR A 206 -7.53 1.81 -1.40
C TYR A 206 -7.81 2.92 -0.40
N THR A 207 -6.97 3.01 0.64
CA THR A 207 -7.06 4.13 1.60
C THR A 207 -6.62 5.39 0.92
N LYS A 208 -7.40 6.46 1.14
CA LYS A 208 -7.18 7.77 0.46
C LYS A 208 -6.17 8.57 1.26
N VAL A 209 -4.89 8.43 0.96
CA VAL A 209 -3.76 8.95 1.76
C VAL A 209 -3.84 10.47 1.92
N CYS A 210 -4.30 11.19 0.89
N CYS A 210 -4.32 11.16 0.90
CA CYS A 210 -4.29 12.65 1.00
CA CYS A 210 -4.50 12.61 0.97
C CYS A 210 -5.18 13.10 2.13
C CYS A 210 -5.09 13.08 2.26
N ASN A 211 -6.11 12.33 2.67
CA ASN A 211 -6.89 12.75 3.85
C ASN A 211 -6.09 12.69 5.11
N TYR A 212 -4.94 12.09 5.14
CA TYR A 212 -4.19 11.72 6.36
C TYR A 212 -2.89 12.45 6.50
N VAL A 213 -2.54 13.34 5.55
CA VAL A 213 -1.22 13.95 5.58
C VAL A 213 -1.00 14.74 6.85
N SER A 214 -1.96 15.50 7.32
N SER A 214 -1.98 15.49 7.31
N SER A 214 -2.02 15.47 7.28
CA SER A 214 -1.67 16.27 8.56
CA SER A 214 -1.75 16.28 8.53
CA SER A 214 -1.91 16.28 8.49
C SER A 214 -1.57 15.36 9.79
C SER A 214 -1.52 15.33 9.73
C SER A 214 -1.57 15.36 9.69
N TRP A 215 -2.34 14.27 9.84
CA TRP A 215 -2.17 13.30 10.93
C TRP A 215 -0.78 12.66 10.82
N ILE A 216 -0.34 12.28 9.62
CA ILE A 216 0.94 11.67 9.45
C ILE A 216 2.02 12.63 9.97
N LYS A 217 2.01 13.86 9.43
CA LYS A 217 3.08 14.80 9.83
C LYS A 217 3.09 15.08 11.29
N GLN A 218 1.93 15.32 11.89
N GLN A 218 1.91 15.30 11.89
CA GLN A 218 1.94 15.65 13.35
CA GLN A 218 1.84 15.57 13.34
C GLN A 218 2.33 14.46 14.15
C GLN A 218 2.39 14.43 14.11
N THR A 219 1.96 13.22 13.73
CA THR A 219 2.40 12.06 14.43
C THR A 219 3.86 11.88 14.40
N ILE A 220 4.46 12.03 13.21
CA ILE A 220 5.95 11.90 13.08
C ILE A 220 6.60 12.99 13.96
N ALA A 221 6.08 14.19 13.99
CA ALA A 221 6.69 15.33 14.71
C ALA A 221 6.77 15.08 16.20
N SER A 222 5.96 14.19 16.80
N SER A 222 6.01 14.17 16.83
CA SER A 222 5.85 13.97 18.18
CA SER A 222 6.14 13.95 18.28
C SER A 222 6.24 12.59 18.61
C SER A 222 6.15 12.49 18.62
N ASN A 223 6.72 11.73 17.70
CA ASN A 223 7.03 10.35 18.02
C ASN A 223 8.42 9.98 17.49
S SO4 B . -23.65 4.26 -0.98
O1 SO4 B . -22.31 4.73 -1.31
O2 SO4 B . -24.06 3.04 -1.74
O3 SO4 B . -24.75 5.28 -0.91
O4 SO4 B . -23.31 3.90 0.46
CA CA C . 15.86 -10.44 -0.86
C1 EDO D . 19.98 -7.73 5.22
O1 EDO D . 20.72 -7.64 6.48
C2 EDO D . 20.27 -9.15 4.70
O2 EDO D . 21.69 -9.51 4.49
C1 EDO E . 14.40 -14.88 3.43
O1 EDO E . 14.49 -14.54 4.81
C2 EDO E . 15.70 -14.41 2.73
O2 EDO E . 16.15 -13.20 3.11
C1 EDO F . 18.90 8.15 6.18
O1 EDO F . 19.78 7.68 7.20
C2 EDO F . 19.53 8.83 4.97
O2 EDO F . 20.57 8.04 4.39
S DMS G . -14.60 -2.11 15.22
O DMS G . -13.72 -0.93 15.52
C1 DMS G . -15.97 -1.80 16.18
C2 DMS G . -14.02 -3.52 15.91
C1 K9S H . -6.53 -6.24 -1.90
N1 K9S H . -7.99 -5.81 -4.35
S2 K9S H . -5.78 -6.83 -0.47
C3 K9S H . -6.88 -8.19 -0.36
C4 K9S H . -7.76 -8.17 -1.46
C5 K9S H . -7.59 -7.10 -2.32
C6 K9S H . -6.93 -9.23 0.56
C7 K9S H . -7.93 -10.27 0.45
C10 K9S H . -8.48 -6.89 -3.49
C8 K9S H . -8.80 -10.22 -0.57
C9 K9S H . -8.77 -9.16 -1.60
#